data_1F6A
#
_entry.id   1F6A
#
_cell.length_a   192.800
_cell.length_b   192.800
_cell.length_c   302.400
_cell.angle_alpha   90.00
_cell.angle_beta   90.00
_cell.angle_gamma   120.00
#
_symmetry.space_group_name_H-M   'H 3 2'
#
loop_
_entity.id
_entity.type
_entity.pdbx_description
1 polymer 'HIGH AFFINITY IMMUNOGLOBULIN EPSILON RECEPTOR ALPHA-SUBUNIT'
2 polymer 'IG EPSILON CHAIN C REGION'
3 branched alpha-D-mannopyranose-(1-4)-2-acetamido-2-deoxy-beta-D-glucopyranose-(1-4)-[alpha-L-fucopyranose-(1-6)]2-acetamido-2-deoxy-beta-D-glucopyranose
4 branched alpha-D-mannopyranose-(1-3)-[alpha-D-mannopyranose-(1-6)]alpha-D-mannopyranose-(1-4)-2-acetamido-2-deoxy-beta-D-glucopyranose-(1-4)-2-acetamido-2-deoxy-beta-D-glucopyranose
5 branched 2-acetamido-2-deoxy-beta-D-glucopyranose-(1-4)-[alpha-L-fucopyranose-(1-6)]2-acetamido-2-deoxy-beta-D-glucopyranose
6 branched alpha-D-mannopyranose-(1-2)-alpha-D-mannopyranose-(1-6)-[alpha-D-mannopyranose-(1-3)]alpha-D-mannopyranose-(1-4)-2-acetamido-2-deoxy-beta-D-glucopyranose-(1-4)-2-acetamido-2-deoxy-beta-D-glucopyranose
7 branched alpha-D-mannopyranose-(1-4)-2-acetamido-2-deoxy-beta-D-glucopyranose-(1-4)-2-acetamido-2-deoxy-beta-D-glucopyranose
8 non-polymer 'SULFATE ION'
9 non-polymer 3-[(3-CHOLAMIDOPROPYL)DIMETHYLAMMONIO]-1-PROPANESULFONATE
#
loop_
_entity_poly.entity_id
_entity_poly.type
_entity_poly.pdbx_seq_one_letter_code
_entity_poly.pdbx_strand_id
1 'polypeptide(L)'
;VPQKPKVSLNPPWNRIFKGENVTLTCNGNNFFEVSSTKWFHNGSLSEETNSSLNIVNAKFEDSGEYKCQHQQVAESEPVY
LEVFSDWLLLQASAEVVMEGQPLFLRCHGWRNWDVYKVIYYKDGEALKYWYENHAISITNAAAEDSGTYYCTGKVWQLDY
ESEPLNITVIKAPREK
;
A
2 'polypeptide(L)'
;ADPCDSNPRGVSAYLSRPSPFDLFIRKSPTITCLVVDLAPSKGTVNLTWSRASGKPVNHSTRKEEKQRNGTLTVTSTLPV
GTRDWIEGETYQCRVTHPHLPRALMRSTTKTSGPRAAPEVYAFATPEWPGSRDKRTLACLIQNFMPEDISVQWLHNEVQL
PDARHSTTQPRKTKGSGFFVFSRLEVTRAEWEQKDEFICRAVHEAASPSQTVQRAVSVNPGK
;
B,D
#
# COMPACT_ATOMS: atom_id res chain seq x y z
N VAL A 1 29.84 35.40 38.67
CA VAL A 1 28.64 36.20 38.27
C VAL A 1 28.76 36.90 36.89
N PRO A 2 29.92 36.78 36.21
CA PRO A 2 30.05 37.43 34.90
C PRO A 2 29.35 36.69 33.76
N GLN A 3 29.56 37.15 32.53
CA GLN A 3 28.97 36.49 31.36
C GLN A 3 29.80 35.24 31.05
N LYS A 4 29.12 34.10 30.92
CA LYS A 4 29.77 32.84 30.61
C LYS A 4 30.02 32.79 29.12
N PRO A 5 30.87 31.88 28.65
CA PRO A 5 31.15 31.78 27.22
C PRO A 5 30.14 30.89 26.49
N LYS A 6 29.70 31.35 25.32
CA LYS A 6 28.72 30.62 24.51
C LYS A 6 29.37 29.88 23.34
N VAL A 7 28.71 28.84 22.81
CA VAL A 7 29.21 28.06 21.68
C VAL A 7 28.20 28.14 20.57
N SER A 8 28.68 28.41 19.36
CA SER A 8 27.81 28.51 18.20
C SER A 8 28.18 27.40 17.21
N LEU A 9 27.18 26.92 16.49
CA LEU A 9 27.40 25.87 15.51
C LEU A 9 27.12 26.40 14.12
N ASN A 10 27.93 25.98 13.15
CA ASN A 10 27.70 26.43 11.79
C ASN A 10 28.08 25.34 10.82
N PRO A 11 27.08 24.74 10.17
CA PRO A 11 25.65 25.03 10.32
C PRO A 11 25.02 24.60 11.65
N PRO A 12 24.04 25.39 12.13
CA PRO A 12 23.22 25.32 13.35
C PRO A 12 23.00 23.93 13.90
N TRP A 13 22.58 23.06 13.00
CA TRP A 13 22.26 21.67 13.31
C TRP A 13 23.24 20.98 14.23
N ASN A 14 22.78 20.58 15.41
CA ASN A 14 23.66 19.88 16.34
C ASN A 14 23.49 18.38 16.19
N ARG A 15 22.76 17.99 15.16
CA ARG A 15 22.54 16.57 14.83
C ARG A 15 22.80 16.47 13.33
N ILE A 16 23.73 15.62 12.94
CA ILE A 16 24.10 15.50 11.54
C ILE A 16 24.45 14.08 11.08
N PHE A 17 24.29 13.84 9.79
CA PHE A 17 24.62 12.55 9.22
C PHE A 17 26.12 12.32 9.30
N LYS A 18 26.53 11.09 9.48
CA LYS A 18 27.95 10.82 9.55
C LYS A 18 28.60 11.24 8.25
N GLY A 19 29.80 11.78 8.35
CA GLY A 19 30.53 12.21 7.18
C GLY A 19 30.25 13.65 6.86
N GLU A 20 29.37 14.27 7.65
CA GLU A 20 29.03 15.67 7.43
C GLU A 20 30.00 16.57 8.17
N ASN A 21 29.97 17.85 7.83
CA ASN A 21 30.87 18.82 8.44
C ASN A 21 30.18 19.80 9.35
N VAL A 22 30.87 20.22 10.39
CA VAL A 22 30.33 21.20 11.32
C VAL A 22 31.46 21.91 12.02
N THR A 23 31.17 23.11 12.55
CA THR A 23 32.15 23.91 13.25
C THR A 23 31.67 24.51 14.57
N LEU A 24 32.48 24.40 15.60
CA LEU A 24 32.11 24.95 16.89
C LEU A 24 32.94 26.20 17.12
N THR A 25 32.30 27.28 17.57
CA THR A 25 33.01 28.53 17.83
C THR A 25 32.70 28.98 19.26
N CYS A 26 33.69 29.58 19.92
CA CYS A 26 33.56 30.05 21.30
C CYS A 26 33.48 31.58 21.34
N ASN A 27 32.40 32.08 21.95
CA ASN A 27 32.02 33.49 22.15
C ASN A 27 32.79 34.70 21.60
N GLY A 28 32.04 35.78 21.37
CA GLY A 28 32.62 37.02 20.86
C GLY A 28 32.85 37.99 21.99
N ASN A 29 32.77 37.49 23.22
CA ASN A 29 32.98 38.25 24.44
C ASN A 29 34.47 38.06 24.78
N ASN A 30 35.22 37.81 23.72
CA ASN A 30 36.66 37.59 23.75
C ASN A 30 37.03 37.86 22.29
N PHE A 31 36.78 39.09 21.84
CA PHE A 31 37.01 39.49 20.46
C PHE A 31 38.41 39.49 19.83
N PHE A 32 39.32 40.33 20.29
CA PHE A 32 40.66 40.35 19.68
C PHE A 32 41.38 39.05 20.00
N GLU A 33 40.71 38.24 20.82
CA GLU A 33 41.24 36.97 21.27
C GLU A 33 42.38 37.24 22.23
N VAL A 34 42.02 37.42 23.49
CA VAL A 34 43.00 37.69 24.54
C VAL A 34 43.39 36.39 25.23
N SER A 35 42.60 35.35 25.03
CA SER A 35 42.92 34.08 25.66
C SER A 35 42.74 32.88 24.73
N SER A 36 43.63 31.91 24.88
CA SER A 36 43.57 30.70 24.10
C SER A 36 42.26 30.05 24.49
N THR A 37 41.71 29.22 23.63
CA THR A 37 40.46 28.55 23.93
C THR A 37 40.73 27.11 24.29
N LYS A 38 39.93 26.55 25.18
CA LYS A 38 40.12 25.15 25.51
C LYS A 38 38.82 24.38 25.35
N TRP A 39 38.84 23.46 24.38
CA TRP A 39 37.68 22.63 24.03
C TRP A 39 37.69 21.31 24.73
N PHE A 40 36.51 20.89 25.19
CA PHE A 40 36.37 19.63 25.91
C PHE A 40 35.36 18.71 25.24
N HIS A 41 35.81 17.50 24.89
CA HIS A 41 34.96 16.50 24.25
C HIS A 41 34.66 15.35 25.19
N ASN A 42 33.41 15.28 25.64
CA ASN A 42 32.94 14.26 26.56
C ASN A 42 33.79 14.27 27.82
N GLY A 43 34.79 15.14 27.83
CA GLY A 43 35.67 15.23 28.98
C GLY A 43 37.09 15.64 28.67
N SER A 44 37.82 14.85 27.89
CA SER A 44 39.21 15.18 27.58
C SER A 44 39.41 16.52 26.92
N LEU A 45 40.60 17.07 27.11
CA LEU A 45 40.96 18.36 26.55
C LEU A 45 41.39 18.18 25.11
N SER A 46 40.73 18.87 24.18
CA SER A 46 41.10 18.77 22.79
C SER A 46 42.38 19.56 22.54
N GLU A 47 43.13 19.18 21.51
CA GLU A 47 44.39 19.86 21.20
C GLU A 47 44.24 21.12 20.36
N GLU A 48 43.01 21.50 20.02
CA GLU A 48 42.80 22.72 19.26
C GLU A 48 42.71 23.81 20.29
N THR A 49 43.42 24.91 20.06
CA THR A 49 43.39 26.01 21.01
C THR A 49 42.74 27.25 20.45
N ASN A 50 42.41 27.22 19.15
CA ASN A 50 41.79 28.37 18.49
C ASN A 50 40.29 28.56 18.81
N SER A 51 39.78 29.72 18.42
CA SER A 51 38.40 30.10 18.70
C SER A 51 37.32 29.21 18.07
N SER A 52 37.67 28.52 16.99
CA SER A 52 36.69 27.66 16.36
C SER A 52 37.28 26.28 16.15
N LEU A 53 36.50 25.27 16.49
CA LEU A 53 36.88 23.87 16.37
C LEU A 53 36.11 23.25 15.21
N ASN A 54 36.83 22.55 14.34
CA ASN A 54 36.21 21.90 13.19
C ASN A 54 35.95 20.43 13.43
N ILE A 55 35.17 19.84 12.53
CA ILE A 55 34.85 18.43 12.59
C ILE A 55 34.70 18.04 11.13
N VAL A 56 35.46 17.04 10.71
CA VAL A 56 35.38 16.62 9.32
C VAL A 56 35.01 15.16 9.15
N ASN A 57 34.27 14.88 8.07
CA ASN A 57 33.81 13.52 7.80
C ASN A 57 33.48 12.94 9.15
N ALA A 58 32.64 13.68 9.86
CA ALA A 58 32.22 13.32 11.20
C ALA A 58 31.95 11.87 11.41
N LYS A 59 32.79 11.21 12.20
CA LYS A 59 32.59 9.81 12.51
C LYS A 59 31.59 9.77 13.67
N PHE A 60 31.12 8.59 14.07
CA PHE A 60 30.17 8.56 15.17
C PHE A 60 30.85 8.99 16.44
N GLU A 61 32.10 8.55 16.57
CA GLU A 61 32.94 8.86 17.71
C GLU A 61 32.87 10.34 18.04
N ASP A 62 32.58 11.15 17.03
CA ASP A 62 32.50 12.59 17.21
C ASP A 62 31.21 13.07 17.90
N SER A 63 30.27 12.18 18.14
CA SER A 63 29.05 12.60 18.83
C SER A 63 29.48 12.96 20.22
N GLY A 64 28.59 13.54 21.02
CA GLY A 64 28.98 13.86 22.38
C GLY A 64 28.82 15.26 22.94
N GLU A 65 29.35 15.43 24.14
CA GLU A 65 29.29 16.70 24.86
C GLU A 65 30.50 17.57 24.57
N TYR A 66 30.24 18.77 24.06
CA TYR A 66 31.29 19.73 23.77
C TYR A 66 31.18 20.95 24.68
N LYS A 67 32.31 21.42 25.18
CA LYS A 67 32.36 22.60 26.06
C LYS A 67 33.69 23.32 25.86
N CYS A 68 33.66 24.65 25.94
CA CYS A 68 34.87 25.44 25.82
C CYS A 68 34.91 26.39 27.00
N GLN A 69 36.10 26.71 27.46
CA GLN A 69 36.20 27.65 28.56
C GLN A 69 37.42 28.52 28.25
N HIS A 70 37.40 29.77 28.73
CA HIS A 70 38.50 30.69 28.47
C HIS A 70 39.56 30.72 29.56
N GLN A 71 39.69 31.84 30.27
CA GLN A 71 40.68 31.81 31.33
C GLN A 71 40.03 32.00 32.68
N GLN A 72 38.70 31.88 32.69
CA GLN A 72 37.96 31.96 33.94
C GLN A 72 37.62 30.56 34.47
N VAL A 73 36.66 30.49 35.37
CA VAL A 73 36.34 29.19 35.95
C VAL A 73 35.16 28.55 35.27
N ALA A 74 34.16 29.37 35.00
CA ALA A 74 32.96 28.89 34.35
C ALA A 74 33.28 28.48 32.92
N GLU A 75 32.52 27.51 32.44
CA GLU A 75 32.69 26.97 31.10
C GLU A 75 31.32 26.99 30.43
N SER A 76 31.33 27.12 29.11
CA SER A 76 30.11 27.17 28.31
C SER A 76 29.11 26.09 28.68
N GLU A 77 27.82 26.39 28.50
CA GLU A 77 26.80 25.39 28.78
C GLU A 77 27.19 24.36 27.75
N PRO A 78 27.04 23.07 28.05
CA PRO A 78 27.42 22.07 27.08
C PRO A 78 26.53 22.07 25.84
N VAL A 79 27.09 21.60 24.73
CA VAL A 79 26.35 21.50 23.48
C VAL A 79 26.47 20.06 23.03
N TYR A 80 25.33 19.38 22.88
CA TYR A 80 25.34 17.98 22.48
C TYR A 80 25.22 17.79 20.96
N LEU A 81 26.15 17.01 20.42
CA LEU A 81 26.22 16.74 19.00
C LEU A 81 25.99 15.27 18.68
N GLU A 82 24.88 14.94 18.03
CA GLU A 82 24.57 13.56 17.67
C GLU A 82 24.79 13.29 16.20
N VAL A 83 25.51 12.21 15.87
CA VAL A 83 25.78 11.84 14.50
C VAL A 83 24.92 10.63 14.09
N PHE A 84 24.06 10.82 13.09
CA PHE A 84 23.16 9.76 12.63
C PHE A 84 23.48 9.18 11.28
N SER A 85 22.76 8.11 10.95
CA SER A 85 22.85 7.41 9.67
C SER A 85 21.52 6.77 9.36
N ASP A 86 20.61 7.56 8.80
CA ASP A 86 19.28 7.12 8.45
C ASP A 86 18.89 7.79 7.13
N TRP A 87 17.63 7.71 6.75
CA TRP A 87 17.22 8.28 5.49
C TRP A 87 16.85 9.74 5.63
N LEU A 88 16.07 10.06 6.66
CA LEU A 88 15.69 11.45 6.92
C LEU A 88 16.06 11.83 8.33
N LEU A 89 16.61 13.03 8.47
CA LEU A 89 17.03 13.56 9.75
C LEU A 89 16.37 14.92 9.89
N LEU A 90 15.75 15.16 11.05
CA LEU A 90 15.11 16.45 11.25
C LEU A 90 16.08 17.25 12.06
N GLN A 91 16.56 18.34 11.49
CA GLN A 91 17.52 19.18 12.15
C GLN A 91 16.89 20.45 12.65
N ALA A 92 17.33 20.91 13.81
CA ALA A 92 16.80 22.14 14.36
C ALA A 92 17.93 23.04 14.77
N SER A 93 17.70 24.34 14.58
CA SER A 93 18.65 25.38 14.92
C SER A 93 18.97 25.36 16.41
N ALA A 94 17.99 24.99 17.23
CA ALA A 94 18.15 24.91 18.67
C ALA A 94 17.04 24.09 19.28
N GLU A 95 17.38 23.16 20.17
CA GLU A 95 16.35 22.32 20.78
C GLU A 95 15.53 23.04 21.84
N VAL A 96 16.14 24.03 22.49
CA VAL A 96 15.46 24.84 23.50
C VAL A 96 15.63 26.28 23.04
N VAL A 97 14.53 26.92 22.69
CA VAL A 97 14.57 28.27 22.17
C VAL A 97 13.91 29.27 23.10
N MET A 98 14.67 30.26 23.56
CA MET A 98 14.16 31.28 24.45
C MET A 98 13.05 32.04 23.73
N GLU A 99 11.97 32.32 24.45
CA GLU A 99 10.81 33.03 23.92
C GLU A 99 11.21 34.18 22.99
N GLY A 100 10.53 34.29 21.86
CA GLY A 100 10.84 35.36 20.93
C GLY A 100 11.88 35.07 19.86
N GLN A 101 12.97 34.40 20.23
CA GLN A 101 14.05 34.06 19.29
C GLN A 101 13.54 33.22 18.09
N PRO A 102 14.28 33.24 16.97
CA PRO A 102 13.90 32.47 15.78
C PRO A 102 14.18 30.97 15.89
N LEU A 103 13.46 30.22 15.06
CA LEU A 103 13.57 28.77 15.03
C LEU A 103 13.60 28.21 13.62
N PHE A 104 14.40 27.18 13.41
CA PHE A 104 14.50 26.60 12.08
C PHE A 104 14.48 25.10 12.05
N LEU A 105 13.59 24.58 11.22
CA LEU A 105 13.48 23.16 11.07
C LEU A 105 13.90 22.90 9.64
N ARG A 106 14.48 21.73 9.42
CA ARG A 106 14.94 21.33 8.10
C ARG A 106 14.84 19.81 7.94
N CYS A 107 14.15 19.33 6.92
CA CYS A 107 14.11 17.88 6.71
C CYS A 107 15.30 17.67 5.83
N HIS A 108 16.30 16.97 6.37
CA HIS A 108 17.53 16.73 5.64
C HIS A 108 17.65 15.33 5.11
N GLY A 109 17.80 15.21 3.79
CA GLY A 109 17.89 13.89 3.21
C GLY A 109 19.31 13.41 3.08
N TRP A 110 19.54 12.17 3.50
CA TRP A 110 20.84 11.52 3.43
C TRP A 110 21.66 11.87 2.17
N ARG A 111 22.99 11.96 2.32
CA ARG A 111 23.86 12.34 1.19
C ARG A 111 23.23 13.50 0.42
N ASN A 112 22.40 14.22 1.12
CA ASN A 112 21.70 15.35 0.59
C ASN A 112 20.89 14.94 -0.63
N TRP A 113 20.37 13.72 -0.58
CA TRP A 113 19.54 13.24 -1.66
C TRP A 113 18.23 14.01 -1.66
N ASP A 114 17.67 14.16 -2.84
CA ASP A 114 16.43 14.85 -2.99
C ASP A 114 15.29 14.15 -2.27
N VAL A 115 14.45 14.93 -1.61
CA VAL A 115 13.28 14.40 -0.91
C VAL A 115 12.07 15.17 -1.39
N TYR A 116 11.13 14.49 -2.03
CA TYR A 116 9.95 15.20 -2.50
C TYR A 116 8.77 14.91 -1.59
N LYS A 117 7.77 15.80 -1.64
CA LYS A 117 6.57 15.69 -0.82
C LYS A 117 6.90 15.62 0.66
N VAL A 118 7.68 16.59 1.11
CA VAL A 118 8.10 16.65 2.50
C VAL A 118 7.00 17.22 3.33
N ILE A 119 6.69 16.55 4.43
CA ILE A 119 5.67 17.06 5.34
C ILE A 119 6.22 17.11 6.75
N TYR A 120 6.03 18.22 7.41
CA TYR A 120 6.51 18.35 8.78
C TYR A 120 5.34 18.15 9.71
N TYR A 121 5.53 17.34 10.75
CA TYR A 121 4.47 17.09 11.72
C TYR A 121 4.80 17.71 13.05
N LYS A 122 3.76 18.19 13.71
CA LYS A 122 3.88 18.81 15.01
C LYS A 122 2.79 18.21 15.87
N ASP A 123 3.21 17.41 16.83
CA ASP A 123 2.29 16.76 17.75
C ASP A 123 1.22 16.01 16.96
N GLY A 124 1.68 15.13 16.08
CA GLY A 124 0.74 14.35 15.29
C GLY A 124 -0.10 15.11 14.29
N GLU A 125 0.07 16.42 14.20
CA GLU A 125 -0.70 17.19 13.23
C GLU A 125 0.16 17.55 12.04
N ALA A 126 -0.46 17.71 10.88
CA ALA A 126 0.27 18.09 9.68
C ALA A 126 0.50 19.58 9.72
N LEU A 127 1.74 19.98 9.94
CA LEU A 127 2.07 21.39 10.00
C LEU A 127 2.18 22.01 8.62
N LYS A 128 3.08 21.49 7.77
CA LYS A 128 3.24 22.03 6.41
C LYS A 128 3.68 20.98 5.40
N TYR A 129 3.07 21.01 4.21
CA TYR A 129 3.42 20.08 3.13
C TYR A 129 3.81 20.93 1.94
N TRP A 130 4.73 20.40 1.15
CA TRP A 130 5.18 21.09 -0.05
C TRP A 130 5.59 20.02 -1.06
N TYR A 131 5.44 20.34 -2.33
CA TYR A 131 5.77 19.36 -3.35
C TYR A 131 7.22 18.91 -3.22
N GLU A 132 8.07 19.84 -2.81
CA GLU A 132 9.49 19.58 -2.67
C GLU A 132 9.99 19.82 -1.26
N ASN A 133 11.28 19.59 -1.03
CA ASN A 133 11.83 19.80 0.29
C ASN A 133 11.79 21.28 0.54
N HIS A 134 11.77 21.67 1.81
CA HIS A 134 11.70 23.08 2.17
C HIS A 134 12.01 23.23 3.64
N ALA A 135 12.49 24.38 4.06
CA ALA A 135 12.83 24.58 5.47
C ALA A 135 11.66 25.23 6.16
N ILE A 136 11.51 24.96 7.45
CA ILE A 136 10.43 25.54 8.24
C ILE A 136 11.11 26.66 8.96
N SER A 137 10.69 27.89 8.67
CA SER A 137 11.29 29.07 9.28
C SER A 137 10.31 29.80 10.19
N ILE A 138 10.50 29.62 11.49
CA ILE A 138 9.66 30.27 12.47
C ILE A 138 10.38 31.52 12.99
N THR A 139 10.02 32.66 12.41
CA THR A 139 10.58 33.97 12.74
C THR A 139 10.58 34.37 14.21
N ASN A 140 9.42 34.25 14.86
CA ASN A 140 9.30 34.60 16.27
C ASN A 140 8.63 33.47 17.06
N ALA A 141 9.43 32.80 17.87
CA ALA A 141 8.94 31.68 18.66
C ALA A 141 7.67 32.01 19.42
N ALA A 142 7.00 30.96 19.91
CA ALA A 142 5.75 31.11 20.67
C ALA A 142 5.61 29.92 21.60
N ALA A 143 4.45 29.79 22.23
CA ALA A 143 4.17 28.68 23.16
C ALA A 143 3.59 27.49 22.43
N GLU A 144 2.72 27.77 21.46
CA GLU A 144 2.09 26.73 20.66
C GLU A 144 3.18 26.02 19.88
N ASP A 145 4.20 26.78 19.50
CA ASP A 145 5.33 26.26 18.74
C ASP A 145 6.15 25.17 19.42
N SER A 146 5.81 24.80 20.64
CA SER A 146 6.55 23.73 21.29
C SER A 146 5.87 22.42 20.95
N GLY A 147 6.40 21.33 21.48
CA GLY A 147 5.82 20.04 21.21
C GLY A 147 6.83 19.23 20.43
N THR A 148 6.47 18.01 20.07
CA THR A 148 7.41 17.18 19.32
C THR A 148 7.14 17.25 17.83
N TYR A 149 8.22 17.37 17.06
CA TYR A 149 8.12 17.44 15.61
C TYR A 149 8.80 16.25 14.93
N TYR A 150 8.53 16.10 13.64
CA TYR A 150 9.14 15.06 12.83
C TYR A 150 8.67 15.25 11.40
N CYS A 151 9.46 14.80 10.42
CA CYS A 151 9.10 14.95 9.04
C CYS A 151 9.03 13.65 8.28
N THR A 152 8.34 13.68 7.15
CA THR A 152 8.22 12.51 6.30
C THR A 152 8.42 13.02 4.89
N GLY A 153 8.83 12.12 4.00
CA GLY A 153 9.06 12.52 2.63
C GLY A 153 9.39 11.33 1.76
N LYS A 154 9.40 11.54 0.45
CA LYS A 154 9.72 10.47 -0.46
C LYS A 154 11.10 10.76 -1.00
N VAL A 155 11.92 9.71 -1.06
CA VAL A 155 13.28 9.76 -1.54
C VAL A 155 13.45 8.62 -2.51
N TRP A 156 13.62 8.93 -3.78
CA TRP A 156 13.76 7.87 -4.77
C TRP A 156 12.46 7.08 -4.77
N GLN A 157 11.34 7.81 -4.73
CA GLN A 157 10.01 7.22 -4.77
C GLN A 157 9.50 6.44 -3.57
N LEU A 158 10.36 6.17 -2.60
CA LEU A 158 9.91 5.47 -1.40
C LEU A 158 9.61 6.44 -0.24
N ASP A 159 8.90 5.95 0.77
CA ASP A 159 8.53 6.81 1.87
C ASP A 159 9.38 6.66 3.11
N TYR A 160 9.69 7.79 3.74
CA TYR A 160 10.49 7.77 4.94
C TYR A 160 10.01 8.77 6.00
N GLU A 161 10.33 8.48 7.24
CA GLU A 161 9.92 9.31 8.37
C GLU A 161 11.12 9.50 9.28
N SER A 162 11.40 10.74 9.68
CA SER A 162 12.52 11.05 10.54
C SER A 162 12.23 10.64 11.96
N GLU A 163 13.28 10.23 12.69
CA GLU A 163 12.95 10.00 14.08
C GLU A 163 12.43 11.27 14.74
N PRO A 164 11.51 11.25 15.61
CA PRO A 164 10.91 12.44 16.23
C PRO A 164 11.82 13.34 17.03
N LEU A 165 11.44 14.60 17.14
CA LEU A 165 12.25 15.59 17.86
C LEU A 165 11.46 16.57 18.73
N ASN A 166 11.90 16.69 19.98
CA ASN A 166 11.26 17.58 20.93
C ASN A 166 11.83 18.99 20.94
N ILE A 167 10.92 19.95 20.97
CA ILE A 167 11.29 21.36 20.99
C ILE A 167 10.52 22.08 22.10
N THR A 168 11.26 22.83 22.91
CA THR A 168 10.67 23.55 24.03
C THR A 168 10.93 25.06 23.96
N VAL A 169 9.98 25.85 24.45
CA VAL A 169 10.10 27.31 24.46
C VAL A 169 9.77 27.90 25.84
N ILE A 170 10.61 28.83 26.30
CA ILE A 170 10.48 29.46 27.63
C ILE A 170 9.78 30.82 27.72
N LYS A 171 9.67 31.36 28.94
CA LYS A 171 9.03 32.65 29.20
C LYS A 171 9.83 33.43 30.26
N ALA A 172 9.79 34.77 30.19
CA ALA A 172 10.51 35.61 31.15
C ALA A 172 9.62 36.76 31.65
N PRO A 173 9.13 36.66 32.89
CA PRO A 173 8.27 37.71 33.46
C PRO A 173 8.99 39.04 33.72
N PRO B 3 6.11 10.58 -22.08
CA PRO B 3 4.87 9.97 -21.57
C PRO B 3 4.67 10.21 -20.07
N CYS B 4 5.64 10.89 -19.44
CA CYS B 4 5.54 11.18 -18.02
C CYS B 4 5.36 12.67 -17.73
N ASP B 5 4.97 13.42 -18.75
CA ASP B 5 4.71 14.85 -18.58
C ASP B 5 3.26 14.86 -18.08
N SER B 6 2.97 13.91 -17.19
CA SER B 6 1.62 13.75 -16.65
C SER B 6 1.48 13.91 -15.14
N ASN B 7 2.51 14.39 -14.48
CA ASN B 7 2.44 14.55 -13.03
C ASN B 7 3.11 15.84 -12.58
N PRO B 8 2.73 16.96 -13.21
CA PRO B 8 3.30 18.25 -12.86
C PRO B 8 3.62 18.37 -11.39
N ARG B 9 4.79 18.93 -11.12
CA ARG B 9 5.25 19.14 -9.78
C ARG B 9 4.90 17.98 -8.82
N GLY B 10 4.54 16.84 -9.39
CA GLY B 10 4.23 15.70 -8.54
C GLY B 10 2.75 15.49 -8.31
N VAL B 11 1.98 16.53 -8.60
CA VAL B 11 0.53 16.52 -8.47
C VAL B 11 -0.12 15.54 -9.44
N SER B 12 -0.64 14.41 -8.94
CA SER B 12 -1.27 13.44 -9.82
C SER B 12 -2.79 13.64 -9.94
N ALA B 13 -3.41 13.05 -10.96
CA ALA B 13 -4.86 13.16 -11.21
C ALA B 13 -5.42 11.86 -11.76
N TYR B 14 -6.67 11.58 -11.46
CA TYR B 14 -7.30 10.37 -11.92
C TYR B 14 -8.64 10.70 -12.54
N LEU B 15 -8.99 9.99 -13.62
CA LEU B 15 -10.26 10.26 -14.29
C LEU B 15 -11.03 8.97 -14.42
N SER B 16 -12.07 8.81 -13.59
CA SER B 16 -12.88 7.61 -13.59
C SER B 16 -13.90 7.54 -14.71
N ARG B 17 -14.17 6.31 -15.18
CA ARG B 17 -15.11 6.04 -16.25
C ARG B 17 -16.50 5.66 -15.69
N PRO B 18 -17.59 6.03 -16.39
CA PRO B 18 -18.97 5.75 -15.99
C PRO B 18 -19.13 4.27 -15.70
N SER B 19 -19.81 3.94 -14.60
CA SER B 19 -20.02 2.54 -14.26
C SER B 19 -21.13 2.01 -15.14
N PRO B 20 -21.10 0.71 -15.44
CA PRO B 20 -22.13 0.08 -16.28
C PRO B 20 -23.48 0.54 -15.77
N PHE B 21 -23.71 0.25 -14.50
CA PHE B 21 -24.92 0.60 -13.78
C PHE B 21 -25.34 2.05 -14.04
N ASP B 22 -24.57 3.01 -13.53
CA ASP B 22 -24.90 4.43 -13.73
C ASP B 22 -25.13 4.75 -15.21
N LEU B 23 -24.79 3.82 -16.08
CA LEU B 23 -24.89 4.08 -17.50
C LEU B 23 -26.08 3.46 -18.22
N PHE B 24 -26.54 2.32 -17.73
CA PHE B 24 -27.66 1.64 -18.36
C PHE B 24 -28.93 1.59 -17.52
N ILE B 25 -28.79 1.31 -16.23
CA ILE B 25 -29.93 1.29 -15.35
C ILE B 25 -30.26 2.76 -15.13
N ARG B 26 -29.60 3.36 -14.15
CA ARG B 26 -29.81 4.76 -13.77
C ARG B 26 -29.86 5.72 -14.97
N LYS B 27 -29.36 5.26 -16.11
CA LYS B 27 -29.32 6.04 -17.34
C LYS B 27 -28.85 7.50 -17.23
N SER B 28 -28.06 7.81 -16.21
CA SER B 28 -27.50 9.15 -16.00
C SER B 28 -26.04 8.91 -15.60
N PRO B 29 -25.17 8.77 -16.60
CA PRO B 29 -23.75 8.52 -16.40
C PRO B 29 -22.97 9.79 -16.12
N THR B 30 -21.90 9.63 -15.34
CA THR B 30 -21.02 10.74 -15.00
C THR B 30 -19.62 10.26 -14.75
N ILE B 31 -18.67 11.01 -15.30
CA ILE B 31 -17.25 10.73 -15.15
C ILE B 31 -16.70 11.70 -14.10
N THR B 32 -15.66 11.27 -13.41
CA THR B 32 -15.08 12.09 -12.37
C THR B 32 -13.58 12.27 -12.43
N CYS B 33 -13.15 13.51 -12.32
CA CYS B 33 -11.74 13.89 -12.36
C CYS B 33 -11.28 14.19 -10.94
N LEU B 34 -10.32 13.44 -10.44
CA LEU B 34 -9.83 13.63 -9.09
C LEU B 34 -8.35 14.04 -9.06
N VAL B 35 -8.10 15.21 -8.51
CA VAL B 35 -6.75 15.72 -8.41
C VAL B 35 -6.27 15.57 -6.98
N VAL B 36 -5.06 15.04 -6.82
CA VAL B 36 -4.49 14.83 -5.51
C VAL B 36 -3.09 15.44 -5.32
N ASP B 37 -2.69 15.60 -4.06
CA ASP B 37 -1.39 16.15 -3.71
C ASP B 37 -1.18 17.62 -4.00
N LEU B 38 -2.28 18.37 -4.14
CA LEU B 38 -2.20 19.80 -4.37
C LEU B 38 -1.81 20.41 -3.05
N ALA B 39 -1.22 21.60 -3.07
CA ALA B 39 -0.86 22.24 -1.83
C ALA B 39 -1.74 23.46 -1.65
N PRO B 40 -2.13 23.75 -0.40
CA PRO B 40 -2.99 24.91 -0.16
C PRO B 40 -2.33 26.15 -0.76
N SER B 41 -3.14 27.10 -1.25
CA SER B 41 -2.65 28.33 -1.83
C SER B 41 -3.74 29.38 -1.87
N LYS B 42 -3.35 30.62 -2.15
CA LYS B 42 -4.28 31.74 -2.23
C LYS B 42 -5.37 31.48 -3.26
N GLY B 43 -4.97 31.06 -4.45
CA GLY B 43 -5.93 30.82 -5.50
C GLY B 43 -6.27 29.35 -5.69
N THR B 44 -7.46 29.09 -6.21
CA THR B 44 -7.91 27.72 -6.44
C THR B 44 -7.42 27.31 -7.81
N VAL B 45 -7.52 26.03 -8.13
CA VAL B 45 -7.08 25.58 -9.45
C VAL B 45 -8.03 26.08 -10.51
N ASN B 46 -7.80 25.66 -11.74
CA ASN B 46 -8.62 26.07 -12.88
C ASN B 46 -8.85 24.82 -13.70
N LEU B 47 -9.83 24.04 -13.26
CA LEU B 47 -10.24 22.78 -13.86
C LEU B 47 -11.09 23.12 -15.07
N THR B 48 -10.90 22.41 -16.18
CA THR B 48 -11.66 22.70 -17.38
C THR B 48 -12.00 21.45 -18.17
N TRP B 49 -13.29 21.25 -18.43
CA TRP B 49 -13.79 20.08 -19.17
C TRP B 49 -13.97 20.38 -20.65
N SER B 50 -13.68 19.38 -21.48
CA SER B 50 -13.81 19.54 -22.92
C SER B 50 -14.00 18.22 -23.67
N ARG B 51 -14.69 18.30 -24.81
CA ARG B 51 -14.92 17.14 -25.65
C ARG B 51 -14.04 17.18 -26.89
N ALA B 52 -13.70 16.01 -27.42
CA ALA B 52 -12.87 15.95 -28.61
C ALA B 52 -13.67 16.33 -29.86
N SER B 53 -14.97 16.10 -29.82
CA SER B 53 -15.83 16.42 -30.95
C SER B 53 -15.94 17.94 -31.11
N GLY B 54 -15.68 18.67 -30.03
CA GLY B 54 -15.78 20.12 -30.08
C GLY B 54 -17.12 20.59 -29.55
N LYS B 55 -18.06 19.67 -29.46
CA LYS B 55 -19.40 19.99 -28.97
C LYS B 55 -19.37 20.38 -27.49
N PRO B 56 -20.09 21.45 -27.12
CA PRO B 56 -20.17 21.97 -25.76
C PRO B 56 -20.40 20.89 -24.70
N VAL B 57 -20.18 21.26 -23.43
CA VAL B 57 -20.34 20.35 -22.29
C VAL B 57 -21.22 20.89 -21.16
N ASN B 58 -21.90 19.97 -20.48
CA ASN B 58 -22.77 20.34 -19.36
C ASN B 58 -21.96 21.00 -18.25
N HIS B 59 -22.65 21.59 -17.30
CA HIS B 59 -21.97 22.23 -16.18
C HIS B 59 -21.44 21.15 -15.24
N SER B 60 -20.30 21.41 -14.63
CA SER B 60 -19.71 20.41 -13.74
C SER B 60 -19.86 20.75 -12.27
N THR B 61 -19.45 19.80 -11.44
CA THR B 61 -19.47 19.88 -9.99
C THR B 61 -18.03 20.11 -9.49
N ARG B 62 -17.86 20.51 -8.24
CA ARG B 62 -16.52 20.71 -7.74
C ARG B 62 -16.43 20.83 -6.22
N LYS B 63 -15.55 20.03 -5.61
CA LYS B 63 -15.34 20.06 -4.16
C LYS B 63 -13.85 20.15 -3.88
N GLU B 64 -13.47 20.90 -2.85
CA GLU B 64 -12.05 20.98 -2.50
C GLU B 64 -11.90 20.61 -1.03
N GLU B 65 -11.54 19.36 -0.76
CA GLU B 65 -11.38 18.89 0.61
C GLU B 65 -9.96 18.91 1.16
N LYS B 66 -9.66 19.80 2.10
CA LYS B 66 -8.33 19.80 2.73
C LYS B 66 -8.21 18.44 3.43
N GLN B 67 -7.20 17.65 3.07
CA GLN B 67 -7.05 16.33 3.67
C GLN B 67 -6.25 16.37 4.95
N ARG B 68 -6.25 15.26 5.67
CA ARG B 68 -5.54 15.17 6.94
C ARG B 68 -4.04 15.32 6.81
N ASN B 69 -3.46 14.73 5.77
CA ASN B 69 -2.02 14.80 5.59
C ASN B 69 -1.46 16.11 5.08
N GLY B 70 -2.12 17.21 5.38
CA GLY B 70 -1.60 18.49 4.92
C GLY B 70 -1.85 18.83 3.46
N THR B 71 -2.14 17.80 2.66
CA THR B 71 -2.40 18.02 1.25
C THR B 71 -3.73 18.72 1.03
N LEU B 72 -4.23 18.66 -0.20
CA LEU B 72 -5.47 19.29 -0.59
C LEU B 72 -5.97 18.61 -1.86
N THR B 73 -7.20 18.13 -1.84
CA THR B 73 -7.81 17.44 -2.97
C THR B 73 -8.87 18.25 -3.70
N VAL B 74 -9.10 17.90 -4.95
CA VAL B 74 -10.09 18.55 -5.76
C VAL B 74 -10.76 17.51 -6.60
N THR B 75 -12.09 17.41 -6.52
CA THR B 75 -12.80 16.45 -7.36
C THR B 75 -13.82 17.24 -8.16
N SER B 76 -14.07 16.77 -9.38
CA SER B 76 -15.04 17.41 -10.25
C SER B 76 -15.73 16.32 -11.04
N THR B 77 -17.04 16.27 -10.92
CA THR B 77 -17.83 15.27 -11.62
C THR B 77 -18.58 15.95 -12.76
N LEU B 78 -18.70 15.22 -13.86
CA LEU B 78 -19.36 15.78 -15.04
C LEU B 78 -20.44 14.87 -15.65
N PRO B 79 -21.65 15.44 -15.90
CA PRO B 79 -22.79 14.73 -16.47
C PRO B 79 -22.49 14.42 -17.93
N VAL B 80 -22.82 13.22 -18.36
CA VAL B 80 -22.52 12.85 -19.73
C VAL B 80 -23.65 12.17 -20.49
N GLY B 81 -23.85 12.63 -21.74
CA GLY B 81 -24.89 12.06 -22.59
C GLY B 81 -24.69 10.57 -22.85
N THR B 82 -25.59 9.76 -22.30
CA THR B 82 -25.54 8.32 -22.43
C THR B 82 -25.26 7.84 -23.85
N ARG B 83 -25.84 8.52 -24.83
CA ARG B 83 -25.66 8.13 -26.22
C ARG B 83 -24.23 8.39 -26.64
N ASP B 84 -23.89 9.67 -26.71
CA ASP B 84 -22.57 10.15 -27.11
C ASP B 84 -21.43 9.23 -26.66
N TRP B 85 -21.44 8.84 -25.39
CA TRP B 85 -20.42 7.97 -24.82
C TRP B 85 -20.29 6.65 -25.54
N ILE B 86 -21.38 5.89 -25.59
CA ILE B 86 -21.32 4.58 -26.24
C ILE B 86 -20.86 4.71 -27.67
N GLU B 87 -21.14 5.85 -28.29
CA GLU B 87 -20.72 6.07 -29.66
C GLU B 87 -19.28 6.53 -29.77
N GLY B 88 -18.46 6.10 -28.81
CA GLY B 88 -17.04 6.44 -28.81
C GLY B 88 -16.55 7.84 -28.51
N GLU B 89 -17.44 8.75 -28.12
CA GLU B 89 -17.01 10.11 -27.83
C GLU B 89 -15.82 10.08 -26.87
N THR B 90 -15.14 11.21 -26.74
CA THR B 90 -13.98 11.31 -25.87
C THR B 90 -13.90 12.63 -25.09
N TYR B 91 -13.83 12.48 -23.76
CA TYR B 91 -13.78 13.61 -22.83
C TYR B 91 -12.41 13.79 -22.20
N GLN B 92 -12.06 15.04 -21.91
CA GLN B 92 -10.77 15.35 -21.32
C GLN B 92 -10.84 16.36 -20.18
N CYS B 93 -10.05 16.09 -19.14
CA CYS B 93 -9.98 16.94 -17.93
C CYS B 93 -8.65 17.69 -17.94
N ARG B 94 -8.71 19.03 -17.87
CA ARG B 94 -7.48 19.83 -17.90
C ARG B 94 -7.31 20.69 -16.65
N VAL B 95 -6.41 20.32 -15.77
CA VAL B 95 -6.18 21.11 -14.56
C VAL B 95 -4.96 22.01 -14.76
N THR B 96 -5.00 23.19 -14.13
CA THR B 96 -3.99 24.23 -14.26
C THR B 96 -3.78 25.20 -13.10
N HIS B 97 -2.62 25.21 -12.48
CA HIS B 97 -2.42 26.14 -11.38
C HIS B 97 -1.02 26.75 -11.40
N PRO B 98 -0.89 27.99 -10.91
CA PRO B 98 0.38 28.73 -10.84
C PRO B 98 1.53 27.87 -10.33
N HIS B 99 1.26 27.08 -9.29
CA HIS B 99 2.24 26.19 -8.70
C HIS B 99 2.73 25.20 -9.72
N LEU B 100 2.00 25.11 -10.82
CA LEU B 100 2.34 24.16 -11.85
C LEU B 100 3.03 24.67 -13.12
N PRO B 101 4.04 23.93 -13.58
CA PRO B 101 4.87 24.16 -14.77
C PRO B 101 4.08 23.84 -16.05
N ARG B 102 3.95 22.56 -16.36
CA ARG B 102 3.18 22.11 -17.53
C ARG B 102 1.74 21.96 -17.02
N ALA B 103 0.78 21.84 -17.90
CA ALA B 103 -0.59 21.67 -17.46
C ALA B 103 -0.79 20.19 -17.22
N LEU B 104 -1.86 19.82 -16.52
CA LEU B 104 -2.14 18.41 -16.25
C LEU B 104 -3.38 18.03 -17.02
N MET B 105 -3.31 16.93 -17.75
CA MET B 105 -4.43 16.48 -18.55
C MET B 105 -4.57 14.99 -18.45
N ARG B 106 -5.81 14.54 -18.62
CA ARG B 106 -6.12 13.13 -18.64
C ARG B 106 -7.42 13.05 -19.42
N SER B 107 -7.62 11.93 -20.10
CA SER B 107 -8.80 11.77 -20.92
C SER B 107 -9.28 10.35 -20.82
N THR B 108 -10.48 10.10 -21.35
CA THR B 108 -11.07 8.77 -21.33
C THR B 108 -12.25 8.66 -22.26
N THR B 109 -12.44 7.45 -22.77
CA THR B 109 -13.55 7.11 -23.67
C THR B 109 -13.83 5.61 -23.55
N LYS B 110 -14.94 5.22 -24.16
CA LYS B 110 -15.44 3.87 -24.20
C LYS B 110 -14.32 2.88 -24.47
N THR B 111 -14.22 1.84 -23.65
CA THR B 111 -13.18 0.82 -23.86
C THR B 111 -13.39 0.09 -25.19
N SER B 112 -12.30 -0.24 -25.86
CA SER B 112 -12.35 -0.91 -27.17
C SER B 112 -12.24 -2.43 -27.16
N GLY B 113 -12.25 -3.01 -28.36
CA GLY B 113 -12.12 -4.44 -28.49
C GLY B 113 -13.42 -5.17 -28.85
N PRO B 114 -13.44 -6.51 -28.74
CA PRO B 114 -14.60 -7.33 -29.04
C PRO B 114 -15.52 -7.39 -27.83
N ARG B 115 -16.83 -7.28 -28.07
CA ARG B 115 -17.84 -7.26 -27.02
C ARG B 115 -18.57 -8.60 -26.84
N ALA B 116 -18.18 -9.36 -25.82
CA ALA B 116 -18.83 -10.65 -25.56
C ALA B 116 -19.66 -10.57 -24.28
N ALA B 117 -20.96 -10.88 -24.41
CA ALA B 117 -21.91 -10.86 -23.29
C ALA B 117 -21.54 -11.76 -22.10
N PRO B 118 -22.16 -11.50 -20.94
CA PRO B 118 -21.92 -12.24 -19.71
C PRO B 118 -22.74 -13.49 -19.54
N GLU B 119 -22.15 -14.46 -18.85
CA GLU B 119 -22.81 -15.71 -18.56
C GLU B 119 -22.89 -15.71 -17.05
N VAL B 120 -24.09 -15.80 -16.51
CA VAL B 120 -24.25 -15.80 -15.06
C VAL B 120 -24.94 -17.04 -14.50
N TYR B 121 -24.45 -17.53 -13.37
CA TYR B 121 -25.02 -18.70 -12.71
C TYR B 121 -25.08 -18.45 -11.21
N ALA B 122 -26.27 -18.47 -10.63
CA ALA B 122 -26.43 -18.22 -9.19
C ALA B 122 -26.52 -19.51 -8.37
N PHE B 123 -25.95 -19.49 -7.17
CA PHE B 123 -25.96 -20.68 -6.32
C PHE B 123 -26.47 -20.43 -4.90
N ALA B 124 -26.33 -21.43 -4.02
CA ALA B 124 -26.81 -21.28 -2.65
C ALA B 124 -26.33 -22.40 -1.71
N THR B 125 -25.77 -21.99 -0.59
CA THR B 125 -25.24 -22.91 0.41
C THR B 125 -26.27 -23.68 1.24
N PRO B 126 -25.89 -24.87 1.73
CA PRO B 126 -26.73 -25.73 2.57
C PRO B 126 -26.42 -25.33 4.01
N GLU B 127 -27.34 -25.58 4.94
CA GLU B 127 -27.10 -25.19 6.33
C GLU B 127 -25.83 -25.83 6.89
N TRP B 128 -25.40 -25.33 8.05
CA TRP B 128 -24.21 -25.81 8.73
C TRP B 128 -24.43 -25.76 10.24
N PRO B 129 -23.97 -26.80 10.96
CA PRO B 129 -24.10 -26.90 12.42
C PRO B 129 -23.82 -25.62 13.20
N GLY B 130 -23.10 -24.69 12.57
CA GLY B 130 -22.77 -23.44 13.23
C GLY B 130 -23.99 -22.56 13.45
N SER B 131 -24.85 -22.47 12.44
CA SER B 131 -26.05 -21.65 12.51
C SER B 131 -27.11 -22.25 11.60
N ARG B 132 -28.37 -22.19 12.03
CA ARG B 132 -29.46 -22.75 11.24
C ARG B 132 -30.34 -21.68 10.62
N ASP B 133 -29.94 -20.41 10.76
CA ASP B 133 -30.73 -19.32 10.21
C ASP B 133 -29.93 -18.33 9.38
N LYS B 134 -28.76 -18.77 8.91
CA LYS B 134 -27.90 -17.93 8.08
C LYS B 134 -27.38 -18.78 6.92
N ARG B 135 -27.71 -18.36 5.69
CA ARG B 135 -27.24 -19.07 4.51
C ARG B 135 -26.62 -18.12 3.48
N THR B 136 -25.51 -18.57 2.89
CA THR B 136 -24.74 -17.78 1.92
C THR B 136 -25.01 -17.94 0.42
N LEU B 137 -25.10 -16.82 -0.29
CA LEU B 137 -25.32 -16.85 -1.74
C LEU B 137 -24.06 -16.47 -2.50
N ALA B 138 -23.95 -16.97 -3.74
CA ALA B 138 -22.81 -16.69 -4.60
C ALA B 138 -23.28 -16.59 -6.02
N CYS B 139 -22.67 -15.70 -6.79
CA CYS B 139 -23.08 -15.50 -8.17
C CYS B 139 -21.86 -15.31 -9.04
N LEU B 140 -21.68 -16.20 -10.01
CA LEU B 140 -20.55 -16.15 -10.92
C LEU B 140 -20.90 -15.61 -12.31
N ILE B 141 -20.19 -14.57 -12.72
CA ILE B 141 -20.42 -13.97 -14.01
C ILE B 141 -19.14 -14.10 -14.80
N GLN B 142 -19.19 -14.83 -15.91
CA GLN B 142 -17.99 -15.03 -16.71
C GLN B 142 -18.08 -14.83 -18.21
N ASN B 143 -16.95 -15.13 -18.86
CA ASN B 143 -16.79 -15.03 -20.30
C ASN B 143 -17.38 -13.78 -20.91
N PHE B 144 -16.96 -12.64 -20.40
CA PHE B 144 -17.45 -11.38 -20.93
C PHE B 144 -16.29 -10.46 -21.22
N MET B 145 -16.59 -9.38 -21.94
CA MET B 145 -15.59 -8.37 -22.29
C MET B 145 -16.29 -7.24 -23.03
N PRO B 146 -15.85 -5.98 -22.79
CA PRO B 146 -14.81 -5.49 -21.89
C PRO B 146 -14.94 -5.95 -20.44
N GLU B 147 -14.05 -5.47 -19.58
CA GLU B 147 -14.10 -5.86 -18.19
C GLU B 147 -15.01 -4.97 -17.36
N ASP B 148 -15.52 -3.90 -17.95
CA ASP B 148 -16.41 -2.99 -17.22
C ASP B 148 -17.77 -3.60 -16.92
N ILE B 149 -17.97 -4.03 -15.68
CA ILE B 149 -19.22 -4.68 -15.30
C ILE B 149 -19.79 -4.19 -13.97
N SER B 150 -21.11 -4.10 -13.91
CA SER B 150 -21.83 -3.68 -12.71
C SER B 150 -22.74 -4.81 -12.22
N VAL B 151 -22.36 -5.42 -11.10
CA VAL B 151 -23.15 -6.50 -10.51
C VAL B 151 -24.06 -5.89 -9.44
N GLN B 152 -25.11 -6.62 -9.07
CA GLN B 152 -26.07 -6.19 -8.05
C GLN B 152 -27.07 -7.29 -7.73
N TRP B 153 -27.98 -7.01 -6.81
CA TRP B 153 -28.97 -8.01 -6.47
C TRP B 153 -30.35 -7.42 -6.30
N LEU B 154 -31.37 -8.27 -6.50
CA LEU B 154 -32.74 -7.85 -6.35
C LEU B 154 -33.40 -8.82 -5.40
N HIS B 155 -34.52 -8.40 -4.80
CA HIS B 155 -35.24 -9.25 -3.86
C HIS B 155 -36.64 -8.73 -3.63
N ASN B 156 -37.59 -9.29 -4.35
CA ASN B 156 -38.96 -8.85 -4.19
C ASN B 156 -39.10 -7.41 -4.68
N GLU B 157 -38.51 -7.13 -5.83
CA GLU B 157 -38.57 -5.81 -6.44
C GLU B 157 -37.80 -4.78 -5.63
N VAL B 158 -36.82 -5.24 -4.86
CA VAL B 158 -36.01 -4.34 -4.05
C VAL B 158 -34.52 -4.47 -4.33
N GLN B 159 -33.93 -3.46 -4.97
CA GLN B 159 -32.51 -3.46 -5.30
C GLN B 159 -31.69 -3.29 -4.03
N LEU B 160 -31.25 -4.42 -3.45
CA LEU B 160 -30.49 -4.38 -2.21
C LEU B 160 -29.38 -3.34 -2.11
N PRO B 161 -29.00 -2.98 -0.88
CA PRO B 161 -27.96 -2.00 -0.58
C PRO B 161 -26.60 -2.49 -1.05
N ASP B 162 -25.92 -1.65 -1.81
CA ASP B 162 -24.62 -1.98 -2.33
C ASP B 162 -23.71 -2.60 -1.26
N ALA B 163 -23.76 -2.07 -0.04
CA ALA B 163 -22.91 -2.57 1.04
C ALA B 163 -23.28 -3.94 1.56
N ARG B 164 -24.26 -4.57 0.91
CA ARG B 164 -24.73 -5.89 1.34
C ARG B 164 -23.93 -7.05 0.79
N HIS B 165 -23.45 -6.89 -0.43
CA HIS B 165 -22.70 -7.94 -1.10
C HIS B 165 -21.25 -7.56 -1.38
N SER B 166 -20.41 -8.58 -1.55
CA SER B 166 -19.01 -8.37 -1.84
C SER B 166 -18.74 -8.89 -3.24
N THR B 167 -18.28 -8.01 -4.13
CA THR B 167 -17.97 -8.41 -5.50
C THR B 167 -16.49 -8.24 -5.76
N THR B 168 -15.87 -9.26 -6.36
CA THR B 168 -14.44 -9.19 -6.63
C THR B 168 -14.10 -8.37 -7.86
N GLN B 169 -12.82 -8.34 -8.18
CA GLN B 169 -12.37 -7.62 -9.36
C GLN B 169 -12.20 -8.61 -10.50
N PRO B 170 -12.48 -8.17 -11.74
CA PRO B 170 -12.36 -9.00 -12.93
C PRO B 170 -11.02 -9.71 -13.01
N ARG B 171 -11.04 -10.89 -13.60
CA ARG B 171 -9.84 -11.71 -13.78
C ARG B 171 -9.98 -12.40 -15.13
N LYS B 172 -8.86 -12.58 -15.83
CA LYS B 172 -8.90 -13.20 -17.14
C LYS B 172 -9.03 -14.71 -17.11
N THR B 173 -9.49 -15.27 -18.23
CA THR B 173 -9.67 -16.71 -18.38
C THR B 173 -9.03 -17.21 -19.67
N LYS B 174 -8.77 -18.50 -19.74
CA LYS B 174 -8.16 -19.10 -20.92
C LYS B 174 -9.14 -19.06 -22.09
N GLY B 175 -10.14 -18.19 -21.99
CA GLY B 175 -11.13 -18.06 -23.03
C GLY B 175 -11.27 -16.61 -23.48
N SER B 176 -10.21 -15.83 -23.27
CA SER B 176 -10.14 -14.42 -23.63
C SER B 176 -11.21 -13.53 -22.99
N GLY B 177 -11.99 -14.10 -22.06
CA GLY B 177 -13.02 -13.31 -21.40
C GLY B 177 -12.70 -13.20 -19.92
N PHE B 178 -13.43 -12.33 -19.22
CA PHE B 178 -13.20 -12.17 -17.78
C PHE B 178 -14.26 -12.83 -16.94
N PHE B 179 -14.00 -12.88 -15.63
CA PHE B 179 -14.91 -13.48 -14.68
C PHE B 179 -14.85 -12.81 -13.30
N VAL B 180 -16.01 -12.52 -12.72
CA VAL B 180 -16.07 -11.90 -11.40
C VAL B 180 -17.01 -12.68 -10.50
N PHE B 181 -16.72 -12.68 -9.21
CA PHE B 181 -17.52 -13.39 -8.21
C PHE B 181 -18.22 -12.44 -7.25
N SER B 182 -19.42 -12.81 -6.81
CA SER B 182 -20.19 -11.99 -5.86
C SER B 182 -20.71 -12.83 -4.72
N ARG B 183 -20.74 -12.26 -3.53
CA ARG B 183 -21.20 -12.98 -2.35
C ARG B 183 -22.15 -12.12 -1.54
N LEU B 184 -23.31 -12.69 -1.23
CA LEU B 184 -24.35 -11.98 -0.50
C LEU B 184 -24.95 -12.76 0.67
N GLU B 185 -24.41 -12.60 1.87
CA GLU B 185 -24.94 -13.32 3.04
C GLU B 185 -26.43 -12.98 3.17
N VAL B 186 -27.24 -13.93 3.65
CA VAL B 186 -28.68 -13.72 3.79
C VAL B 186 -29.28 -14.18 5.13
N THR B 187 -30.42 -13.57 5.50
CA THR B 187 -31.12 -13.88 6.75
C THR B 187 -32.42 -14.66 6.51
N ARG B 188 -32.68 -15.63 7.38
CA ARG B 188 -33.88 -16.47 7.29
C ARG B 188 -35.12 -15.65 6.99
N ALA B 189 -35.37 -14.63 7.80
CA ALA B 189 -36.53 -13.77 7.62
C ALA B 189 -36.80 -13.43 6.16
N GLU B 190 -35.74 -13.12 5.43
CA GLU B 190 -35.87 -12.74 4.02
C GLU B 190 -36.31 -13.82 3.03
N TRP B 191 -35.90 -15.07 3.23
CA TRP B 191 -36.31 -16.08 2.27
C TRP B 191 -37.69 -16.62 2.54
N GLU B 192 -38.23 -16.29 3.71
CA GLU B 192 -39.58 -16.73 4.06
C GLU B 192 -40.50 -15.67 3.46
N GLN B 193 -39.98 -14.46 3.32
CA GLN B 193 -40.71 -13.35 2.75
C GLN B 193 -40.91 -13.70 1.27
N LYS B 194 -39.92 -14.41 0.71
CA LYS B 194 -39.91 -14.89 -0.68
C LYS B 194 -38.64 -15.70 -0.92
N ASP B 195 -38.66 -16.55 -1.95
CA ASP B 195 -37.50 -17.37 -2.29
C ASP B 195 -36.73 -16.78 -3.46
N GLU B 196 -37.43 -16.12 -4.38
CA GLU B 196 -36.81 -15.51 -5.54
C GLU B 196 -35.75 -14.46 -5.21
N PHE B 197 -34.49 -14.80 -5.45
CA PHE B 197 -33.38 -13.88 -5.25
C PHE B 197 -32.76 -13.70 -6.62
N ILE B 198 -32.58 -12.45 -7.04
CA ILE B 198 -32.01 -12.22 -8.34
C ILE B 198 -30.64 -11.57 -8.26
N CYS B 199 -29.73 -12.06 -9.09
CA CYS B 199 -28.38 -11.53 -9.18
C CYS B 199 -28.22 -10.95 -10.57
N ARG B 200 -28.60 -9.70 -10.74
CA ARG B 200 -28.53 -9.02 -12.03
C ARG B 200 -27.10 -8.68 -12.40
N ALA B 201 -26.91 -8.25 -13.64
CA ALA B 201 -25.60 -7.88 -14.17
C ALA B 201 -25.80 -6.90 -15.31
N VAL B 202 -24.97 -5.87 -15.33
CA VAL B 202 -25.09 -4.87 -16.36
C VAL B 202 -23.80 -4.83 -17.16
N HIS B 203 -23.90 -5.10 -18.45
CA HIS B 203 -22.71 -5.08 -19.32
C HIS B 203 -23.06 -4.35 -20.60
N GLU B 204 -22.02 -3.85 -21.28
CA GLU B 204 -22.20 -3.12 -22.52
C GLU B 204 -22.71 -4.03 -23.64
N ALA B 205 -22.55 -5.34 -23.47
CA ALA B 205 -22.99 -6.32 -24.48
C ALA B 205 -24.43 -6.76 -24.32
N ALA B 206 -24.60 -7.86 -23.58
CA ALA B 206 -25.90 -8.47 -23.30
C ALA B 206 -27.13 -7.74 -23.84
N SER B 207 -28.02 -8.50 -24.46
CA SER B 207 -29.25 -7.96 -25.00
C SER B 207 -30.44 -8.40 -24.16
N PRO B 208 -31.58 -7.73 -24.32
CA PRO B 208 -31.77 -6.61 -25.24
C PRO B 208 -31.74 -5.28 -24.49
N SER B 209 -31.80 -5.36 -23.17
CA SER B 209 -31.80 -4.20 -22.30
C SER B 209 -30.48 -3.98 -21.60
N GLN B 210 -29.42 -4.59 -22.13
CA GLN B 210 -28.09 -4.45 -21.55
C GLN B 210 -28.04 -5.03 -20.14
N THR B 211 -29.06 -5.79 -19.78
CA THR B 211 -29.16 -6.42 -18.48
C THR B 211 -29.08 -7.93 -18.63
N VAL B 212 -28.80 -8.61 -17.53
CA VAL B 212 -28.71 -10.06 -17.54
C VAL B 212 -28.84 -10.58 -16.11
N GLN B 213 -29.81 -11.45 -15.87
CA GLN B 213 -29.99 -11.96 -14.52
C GLN B 213 -30.29 -13.45 -14.46
N ARG B 214 -30.10 -14.04 -13.29
CA ARG B 214 -30.37 -15.45 -13.08
C ARG B 214 -30.97 -15.60 -11.69
N ALA B 215 -32.16 -16.18 -11.62
CA ALA B 215 -32.84 -16.37 -10.35
C ALA B 215 -32.17 -17.45 -9.52
N VAL B 216 -32.54 -17.51 -8.24
CA VAL B 216 -32.02 -18.51 -7.33
C VAL B 216 -32.98 -18.67 -6.16
N SER B 217 -32.65 -19.56 -5.23
CA SER B 217 -33.48 -19.80 -4.04
C SER B 217 -33.07 -21.06 -3.31
N VAL B 218 -33.36 -21.11 -2.01
CA VAL B 218 -33.05 -22.30 -1.22
C VAL B 218 -34.25 -23.24 -1.28
N ASN B 219 -34.01 -24.54 -1.10
CA ASN B 219 -35.07 -25.54 -1.14
C ASN B 219 -35.70 -25.64 -2.53
N CYS C 4 8.66 6.86 -13.03
CA CYS C 4 8.00 6.68 -14.35
C CYS C 4 9.01 6.52 -15.49
N ASP C 5 10.01 7.40 -15.55
CA ASP C 5 11.04 7.35 -16.60
C ASP C 5 12.46 7.45 -16.03
N SER C 6 12.96 8.68 -15.93
CA SER C 6 14.30 8.92 -15.39
C SER C 6 14.35 8.66 -13.89
N ASN C 7 13.47 9.33 -13.14
CA ASN C 7 13.41 9.19 -11.69
C ASN C 7 13.58 7.72 -11.27
N PRO C 8 14.70 7.41 -10.63
CA PRO C 8 14.97 6.04 -10.21
C PRO C 8 14.13 5.66 -9.00
N ARG C 9 13.88 4.36 -8.85
CA ARG C 9 13.09 3.83 -7.73
C ARG C 9 14.08 3.07 -6.86
N GLY C 10 13.86 3.11 -5.55
CA GLY C 10 14.78 2.46 -4.64
C GLY C 10 14.46 1.04 -4.31
N VAL C 11 15.43 0.35 -3.72
CA VAL C 11 15.26 -1.04 -3.36
C VAL C 11 14.12 -1.26 -2.42
N SER C 12 13.36 -2.32 -2.70
CA SER C 12 12.20 -2.72 -1.91
C SER C 12 12.45 -4.16 -1.53
N ALA C 13 11.95 -4.61 -0.39
CA ALA C 13 12.13 -6.00 0.00
C ALA C 13 10.83 -6.55 0.51
N TYR C 14 10.63 -7.84 0.27
CA TYR C 14 9.41 -8.51 0.67
C TYR C 14 9.77 -9.87 1.25
N LEU C 15 8.87 -10.45 2.03
CA LEU C 15 9.16 -11.73 2.65
C LEU C 15 7.91 -12.58 2.77
N SER C 16 7.81 -13.60 1.92
CA SER C 16 6.63 -14.46 1.90
C SER C 16 6.59 -15.47 3.02
N ARG C 17 5.38 -15.80 3.46
CA ARG C 17 5.13 -16.77 4.53
C ARG C 17 4.82 -18.16 3.93
N PRO C 18 5.19 -19.24 4.66
CA PRO C 18 4.98 -20.62 4.23
C PRO C 18 3.53 -20.86 3.87
N SER C 19 3.27 -21.54 2.77
CA SER C 19 1.88 -21.80 2.41
C SER C 19 1.37 -22.94 3.29
N PRO C 20 0.06 -22.96 3.57
CA PRO C 20 -0.54 -24.02 4.39
C PRO C 20 -0.02 -25.34 3.86
N PHE C 21 -0.27 -25.54 2.56
CA PHE C 21 0.14 -26.74 1.86
C PHE C 21 1.60 -27.11 2.16
N ASP C 22 2.53 -26.30 1.67
CA ASP C 22 3.95 -26.57 1.89
C ASP C 22 4.28 -26.80 3.37
N LEU C 23 3.32 -26.51 4.23
CA LEU C 23 3.55 -26.62 5.66
C LEU C 23 2.99 -27.84 6.35
N PHE C 24 1.87 -28.35 5.84
CA PHE C 24 1.19 -29.50 6.44
C PHE C 24 1.21 -30.77 5.60
N ILE C 25 0.95 -30.61 4.32
CA ILE C 25 1.01 -31.75 3.41
C ILE C 25 2.50 -32.05 3.22
N ARG C 26 3.09 -31.33 2.26
CA ARG C 26 4.51 -31.48 1.90
C ARG C 26 5.44 -31.49 3.11
N LYS C 27 4.94 -31.02 4.25
CA LYS C 27 5.70 -30.97 5.50
C LYS C 27 7.14 -30.45 5.42
N SER C 28 7.42 -29.64 4.40
CA SER C 28 8.74 -29.02 4.21
C SER C 28 8.46 -27.57 3.84
N PRO C 29 8.26 -26.71 4.84
CA PRO C 29 7.97 -25.29 4.64
C PRO C 29 9.20 -24.47 4.40
N THR C 30 9.02 -23.40 3.60
CA THR C 30 10.09 -22.48 3.29
C THR C 30 9.57 -21.08 3.05
N ILE C 31 10.25 -20.11 3.65
CA ILE C 31 9.92 -18.70 3.49
C ILE C 31 10.87 -18.10 2.46
N THR C 32 10.42 -17.07 1.76
CA THR C 32 11.24 -16.47 0.73
C THR C 32 11.37 -14.96 0.83
N CYS C 33 12.60 -14.47 0.74
CA CYS C 33 12.91 -13.05 0.81
C CYS C 33 13.20 -12.58 -0.60
N LEU C 34 12.44 -11.61 -1.08
CA LEU C 34 12.64 -11.13 -2.44
C LEU C 34 12.99 -9.66 -2.47
N VAL C 35 14.16 -9.35 -3.02
CA VAL C 35 14.61 -7.98 -3.11
C VAL C 35 14.47 -7.50 -4.53
N VAL C 36 13.92 -6.31 -4.72
CA VAL C 36 13.73 -5.77 -6.05
C VAL C 36 14.28 -4.34 -6.21
N ASP C 37 14.40 -3.91 -7.46
CA ASP C 37 14.89 -2.58 -7.78
C ASP C 37 16.36 -2.32 -7.45
N LEU C 38 17.14 -3.38 -7.29
CA LEU C 38 18.58 -3.27 -7.05
C LEU C 38 19.20 -2.86 -8.37
N ALA C 39 20.40 -2.29 -8.32
CA ALA C 39 21.07 -1.87 -9.56
C ALA C 39 22.55 -2.23 -9.52
N PRO C 40 23.09 -2.64 -10.67
CA PRO C 40 24.50 -3.02 -10.83
C PRO C 40 25.45 -2.23 -9.92
N SER C 41 25.87 -2.87 -8.84
CA SER C 41 26.77 -2.25 -7.88
C SER C 41 28.11 -2.98 -7.95
N LYS C 42 29.16 -2.33 -7.49
CA LYS C 42 30.50 -2.94 -7.51
C LYS C 42 30.70 -3.68 -6.20
N GLY C 43 29.81 -3.46 -5.25
CA GLY C 43 29.92 -4.11 -3.97
C GLY C 43 28.92 -5.25 -3.84
N THR C 44 29.12 -6.09 -2.82
CA THR C 44 28.25 -7.22 -2.55
C THR C 44 26.84 -6.68 -2.28
N VAL C 45 25.93 -7.54 -1.86
CA VAL C 45 24.57 -7.12 -1.53
C VAL C 45 24.07 -8.01 -0.41
N ASN C 46 24.99 -8.34 0.47
CA ASN C 46 24.72 -9.18 1.64
C ASN C 46 23.26 -9.45 1.99
N LEU C 47 22.93 -10.73 2.03
CA LEU C 47 21.61 -11.16 2.46
C LEU C 47 21.98 -12.03 3.67
N THR C 48 21.26 -11.86 4.76
CA THR C 48 21.58 -12.62 5.95
C THR C 48 20.33 -13.05 6.72
N TRP C 49 20.20 -14.35 6.95
CA TRP C 49 19.04 -14.87 7.67
C TRP C 49 19.30 -15.06 9.16
N SER C 50 18.29 -14.81 9.97
CA SER C 50 18.44 -14.95 11.42
C SER C 50 17.13 -15.21 12.16
N ARG C 51 17.22 -15.90 13.29
CA ARG C 51 16.05 -16.20 14.11
C ARG C 51 16.03 -15.33 15.36
N ALA C 52 14.83 -15.05 15.87
CA ALA C 52 14.70 -14.22 17.06
C ALA C 52 15.10 -14.99 18.30
N SER C 53 14.92 -16.31 18.26
CA SER C 53 15.27 -17.16 19.39
C SER C 53 16.79 -17.22 19.58
N GLY C 54 17.52 -16.90 18.51
CA GLY C 54 18.97 -16.94 18.60
C GLY C 54 19.52 -18.26 18.07
N LYS C 55 18.63 -19.25 17.96
CA LYS C 55 19.02 -20.55 17.47
C LYS C 55 19.42 -20.49 16.00
N PRO C 56 20.53 -21.18 15.64
CA PRO C 56 21.08 -21.23 14.27
C PRO C 56 20.03 -21.50 13.18
N VAL C 57 20.41 -21.26 11.92
CA VAL C 57 19.51 -21.44 10.77
C VAL C 57 20.10 -22.29 9.65
N ASN C 58 19.22 -23.00 8.95
CA ASN C 58 19.66 -23.85 7.84
C ASN C 58 20.30 -23.01 6.73
N HIS C 59 20.93 -23.68 5.77
CA HIS C 59 21.57 -22.97 4.67
C HIS C 59 20.51 -22.48 3.70
N SER C 60 20.71 -21.31 3.14
CA SER C 60 19.73 -20.75 2.24
C SER C 60 20.11 -20.86 0.76
N THR C 61 19.16 -20.46 -0.08
CA THR C 61 19.28 -20.48 -1.52
C THR C 61 19.49 -19.06 -1.97
N ARG C 62 19.88 -18.86 -3.22
CA ARG C 62 20.04 -17.49 -3.72
C ARG C 62 20.17 -17.37 -5.23
N LYS C 63 19.36 -16.50 -5.84
CA LYS C 63 19.39 -16.30 -7.29
C LYS C 63 19.40 -14.82 -7.57
N GLU C 64 20.16 -14.38 -8.58
CA GLU C 64 20.16 -12.97 -8.95
C GLU C 64 19.84 -12.84 -10.44
N GLU C 65 18.58 -12.53 -10.74
CA GLU C 65 18.13 -12.40 -12.11
C GLU C 65 18.08 -11.00 -12.67
N LYS C 66 18.96 -10.66 -13.60
CA LYS C 66 18.94 -9.33 -14.21
C LYS C 66 17.58 -9.29 -14.91
N GLN C 67 16.74 -8.31 -14.57
CA GLN C 67 15.41 -8.19 -15.19
C GLN C 67 15.46 -7.38 -16.46
N ARG C 68 14.36 -7.42 -17.21
CA ARG C 68 14.26 -6.69 -18.46
C ARG C 68 14.35 -5.18 -18.31
N ASN C 69 13.70 -4.64 -17.29
CA ASN C 69 13.72 -3.19 -17.10
C ASN C 69 15.03 -2.58 -16.54
N GLY C 70 16.16 -3.18 -16.87
CA GLY C 70 17.42 -2.65 -16.39
C GLY C 70 17.72 -2.89 -14.91
N THR C 71 16.69 -3.22 -14.13
CA THR C 71 16.89 -3.47 -12.71
C THR C 71 17.63 -4.79 -12.49
N LEU C 72 17.59 -5.28 -11.26
CA LEU C 72 18.26 -6.52 -10.87
C LEU C 72 17.60 -7.04 -9.60
N THR C 73 17.14 -8.29 -9.63
CA THR C 73 16.46 -8.92 -8.52
C THR C 73 17.29 -9.93 -7.81
N VAL C 74 16.94 -10.17 -6.56
CA VAL C 74 17.62 -11.17 -5.73
C VAL C 74 16.59 -11.89 -4.88
N THR C 75 16.55 -13.23 -4.97
CA THR C 75 15.61 -13.98 -4.14
C THR C 75 16.40 -14.97 -3.35
N SER C 76 15.92 -15.28 -2.16
CA SER C 76 16.59 -16.22 -1.29
C SER C 76 15.53 -16.95 -0.53
N THR C 77 15.50 -18.26 -0.66
CA THR C 77 14.52 -19.08 0.02
C THR C 77 15.20 -19.81 1.17
N LEU C 78 14.50 -19.97 2.28
CA LEU C 78 15.08 -20.62 3.44
C LEU C 78 14.20 -21.72 4.03
N PRO C 79 14.79 -22.90 4.28
CA PRO C 79 14.13 -24.08 4.85
C PRO C 79 13.78 -23.79 6.31
N VAL C 80 12.59 -24.21 6.72
CA VAL C 80 12.16 -23.93 8.07
C VAL C 80 11.51 -25.08 8.82
N GLY C 81 11.95 -25.27 10.07
CA GLY C 81 11.42 -26.33 10.90
C GLY C 81 9.92 -26.20 11.14
N THR C 82 9.16 -27.13 10.57
CA THR C 82 7.72 -27.16 10.68
C THR C 82 7.20 -26.91 12.09
N ARG C 83 7.89 -27.46 13.08
CA ARG C 83 7.47 -27.30 14.45
C ARG C 83 7.66 -25.85 14.87
N ASP C 84 8.93 -25.47 14.97
CA ASP C 84 9.34 -24.13 15.38
C ASP C 84 8.38 -23.03 14.92
N TRP C 85 8.01 -23.07 13.64
CA TRP C 85 7.11 -22.08 13.07
C TRP C 85 5.78 -21.99 13.76
N ILE C 86 5.07 -23.12 13.80
CA ILE C 86 3.74 -23.13 14.43
C ILE C 86 3.82 -22.66 15.87
N GLU C 87 4.96 -22.91 16.52
CA GLU C 87 5.13 -22.49 17.89
C GLU C 87 5.55 -21.01 18.00
N GLY C 88 5.11 -20.21 17.04
CA GLY C 88 5.37 -18.78 17.06
C GLY C 88 6.77 -18.23 16.79
N GLU C 89 7.72 -19.07 16.41
CA GLU C 89 9.06 -18.59 16.15
C GLU C 89 9.00 -17.40 15.21
N THR C 90 10.10 -16.67 15.09
CA THR C 90 10.16 -15.49 14.24
C THR C 90 11.48 -15.36 13.48
N TYR C 91 11.37 -15.29 12.15
CA TYR C 91 12.51 -15.20 11.24
C TYR C 91 12.65 -13.81 10.61
N GLN C 92 13.89 -13.40 10.35
CA GLN C 92 14.16 -12.08 9.77
C GLN C 92 15.20 -12.10 8.64
N CYS C 93 14.92 -11.31 7.61
CA CYS C 93 15.79 -11.21 6.43
C CYS C 93 16.45 -9.84 6.46
N ARG C 94 17.79 -9.81 6.44
CA ARG C 94 18.53 -8.55 6.48
C ARG C 94 19.39 -8.35 5.24
N VAL C 95 18.98 -7.43 4.38
CA VAL C 95 19.77 -7.16 3.17
C VAL C 95 20.53 -5.86 3.38
N THR C 96 21.70 -5.70 2.81
CA THR C 96 22.43 -4.46 3.01
C THR C 96 23.05 -4.08 1.68
N HIS C 97 22.99 -2.80 1.33
CA HIS C 97 23.58 -2.33 0.07
C HIS C 97 24.55 -1.20 0.43
N PRO C 98 25.80 -1.30 -0.02
CA PRO C 98 26.79 -0.28 0.28
C PRO C 98 26.28 1.17 0.25
N HIS C 99 25.63 1.54 -0.83
CA HIS C 99 25.13 2.89 -1.00
C HIS C 99 23.84 3.22 -0.25
N LEU C 100 23.58 2.57 0.87
CA LEU C 100 22.35 2.89 1.60
C LEU C 100 22.59 3.25 3.06
N PRO C 101 21.78 4.17 3.58
CA PRO C 101 21.85 4.64 4.96
C PRO C 101 21.60 3.49 5.94
N ARG C 102 20.34 3.24 6.29
CA ARG C 102 20.06 2.16 7.22
C ARG C 102 19.90 0.86 6.40
N ALA C 103 20.00 -0.29 7.07
CA ALA C 103 19.88 -1.59 6.39
C ALA C 103 18.45 -1.97 6.13
N LEU C 104 18.24 -2.86 5.19
CA LEU C 104 16.88 -3.25 4.88
C LEU C 104 16.59 -4.53 5.63
N MET C 105 15.48 -4.50 6.36
CA MET C 105 15.03 -5.66 7.14
C MET C 105 13.55 -5.87 6.98
N ARG C 106 13.15 -7.12 7.16
CA ARG C 106 11.76 -7.51 7.08
C ARG C 106 11.74 -8.81 7.84
N SER C 107 10.63 -9.07 8.52
CA SER C 107 10.50 -10.27 9.33
C SER C 107 9.10 -10.82 9.20
N THR C 108 8.89 -12.02 9.73
CA THR C 108 7.59 -12.66 9.67
C THR C 108 7.52 -13.86 10.58
N THR C 109 6.30 -14.10 11.08
CA THR C 109 6.00 -15.24 11.96
C THR C 109 4.53 -15.58 11.79
N LYS C 110 4.16 -16.69 12.41
CA LYS C 110 2.82 -17.25 12.41
C LYS C 110 1.76 -16.18 12.68
N THR C 111 0.73 -16.13 11.84
CA THR C 111 -0.33 -15.14 12.02
C THR C 111 -1.06 -15.37 13.34
N SER C 112 -1.45 -14.29 14.02
CA SER C 112 -2.13 -14.39 15.31
C SER C 112 -3.65 -14.35 15.27
N GLY C 113 -4.25 -14.36 16.45
CA GLY C 113 -5.69 -14.31 16.56
C GLY C 113 -6.37 -15.63 16.91
N PRO C 114 -7.69 -15.72 16.76
CA PRO C 114 -8.49 -16.93 17.04
C PRO C 114 -8.49 -17.79 15.78
N ARG C 115 -8.35 -19.10 15.95
CA ARG C 115 -8.30 -20.00 14.80
C ARG C 115 -9.65 -20.65 14.48
N ALA C 116 -10.33 -20.16 13.45
CA ALA C 116 -11.63 -20.72 13.06
C ALA C 116 -11.53 -21.47 11.74
N ALA C 117 -11.90 -22.75 11.76
CA ALA C 117 -11.85 -23.62 10.58
C ALA C 117 -12.65 -23.13 9.36
N PRO C 118 -12.36 -23.68 8.19
CA PRO C 118 -13.02 -23.33 6.93
C PRO C 118 -14.29 -24.08 6.64
N GLU C 119 -15.19 -23.41 5.94
CA GLU C 119 -16.46 -23.97 5.54
C GLU C 119 -16.35 -23.95 4.03
N VAL C 120 -16.47 -25.12 3.40
CA VAL C 120 -16.39 -25.16 1.95
C VAL C 120 -17.61 -25.77 1.28
N TYR C 121 -18.01 -25.19 0.15
CA TYR C 121 -19.17 -25.67 -0.60
C TYR C 121 -18.84 -25.63 -2.09
N ALA C 122 -18.89 -26.78 -2.75
CA ALA C 122 -18.58 -26.87 -4.18
C ALA C 122 -19.81 -26.82 -5.08
N PHE C 123 -19.69 -26.18 -6.24
CA PHE C 123 -20.81 -26.07 -7.16
C PHE C 123 -20.50 -26.49 -8.59
N ALA C 124 -21.42 -26.27 -9.51
CA ALA C 124 -21.21 -26.66 -10.91
C ALA C 124 -22.25 -26.09 -11.87
N THR C 125 -21.76 -25.46 -12.93
CA THR C 125 -22.61 -24.82 -13.93
C THR C 125 -23.39 -25.75 -14.87
N PRO C 126 -24.52 -25.27 -15.40
CA PRO C 126 -25.38 -26.03 -16.33
C PRO C 126 -24.88 -25.65 -17.73
N GLU C 127 -25.10 -26.51 -18.72
CA GLU C 127 -24.64 -26.18 -20.07
C GLU C 127 -25.18 -24.84 -20.57
N TRP C 128 -24.60 -24.38 -21.67
CA TRP C 128 -25.00 -23.12 -22.29
C TRP C 128 -24.87 -23.23 -23.81
N PRO C 129 -25.84 -22.68 -24.56
CA PRO C 129 -25.86 -22.70 -26.03
C PRO C 129 -24.52 -22.43 -26.72
N GLY C 130 -23.60 -21.79 -25.99
CA GLY C 130 -22.30 -21.48 -26.56
C GLY C 130 -21.46 -22.72 -26.81
N SER C 131 -21.48 -23.65 -25.85
CA SER C 131 -20.71 -24.88 -25.96
C SER C 131 -21.41 -25.97 -25.16
N ARG C 132 -21.37 -27.20 -25.66
CA ARG C 132 -22.03 -28.31 -24.99
C ARG C 132 -21.03 -29.28 -24.37
N ASP C 133 -19.74 -28.94 -24.41
CA ASP C 133 -18.71 -29.82 -23.85
C ASP C 133 -17.74 -29.13 -22.91
N LYS C 134 -18.16 -27.97 -22.40
CA LYS C 134 -17.33 -27.19 -21.46
C LYS C 134 -18.21 -26.70 -20.32
N ARG C 135 -17.89 -27.13 -19.10
CA ARG C 135 -18.64 -26.72 -17.92
C ARG C 135 -17.73 -26.21 -16.80
N THR C 136 -18.16 -25.13 -16.15
CA THR C 136 -17.38 -24.46 -15.11
C THR C 136 -17.65 -24.86 -13.65
N LEU C 137 -16.57 -25.02 -12.88
CA LEU C 137 -16.70 -25.34 -11.45
C LEU C 137 -16.31 -24.16 -10.58
N ALA C 138 -16.87 -24.11 -9.38
CA ALA C 138 -16.60 -23.03 -8.43
C ALA C 138 -16.61 -23.60 -7.03
N CYS C 139 -15.74 -23.06 -6.17
CA CYS C 139 -15.65 -23.57 -4.83
C CYS C 139 -15.46 -22.42 -3.86
N LEU C 140 -16.38 -22.28 -2.92
CA LEU C 140 -16.33 -21.21 -1.94
C LEU C 140 -15.92 -21.67 -0.55
N ILE C 141 -14.86 -21.05 -0.04
CA ILE C 141 -14.33 -21.39 1.27
C ILE C 141 -14.45 -20.15 2.14
N GLN C 142 -15.25 -20.25 3.20
CA GLN C 142 -15.46 -19.10 4.06
C GLN C 142 -15.36 -19.28 5.56
N ASN C 143 -15.63 -18.19 6.26
CA ASN C 143 -15.61 -18.12 7.71
C ASN C 143 -14.43 -18.82 8.35
N PHE C 144 -13.24 -18.42 7.93
CA PHE C 144 -12.03 -19.00 8.49
C PHE C 144 -11.08 -17.90 8.91
N MET C 145 -10.07 -18.29 9.69
CA MET C 145 -9.05 -17.37 10.16
C MET C 145 -7.98 -18.14 10.92
N PRO C 146 -6.70 -17.76 10.76
CA PRO C 146 -6.10 -16.68 9.95
C PRO C 146 -6.48 -16.71 8.48
N GLU C 147 -5.92 -15.80 7.71
CA GLU C 147 -6.23 -15.74 6.29
C GLU C 147 -5.33 -16.63 5.45
N ASP C 148 -4.32 -17.25 6.07
CA ASP C 148 -3.42 -18.11 5.34
C ASP C 148 -4.08 -19.41 4.92
N ILE C 149 -4.45 -19.50 3.64
CA ILE C 149 -5.11 -20.70 3.14
C ILE C 149 -4.58 -21.21 1.80
N SER C 150 -4.54 -22.53 1.68
CA SER C 150 -4.07 -23.18 0.46
C SER C 150 -5.20 -23.99 -0.18
N VAL C 151 -5.71 -23.51 -1.30
CA VAL C 151 -6.78 -24.19 -2.02
C VAL C 151 -6.17 -25.08 -3.11
N GLN C 152 -6.92 -26.06 -3.58
CA GLN C 152 -6.48 -26.96 -4.64
C GLN C 152 -7.59 -27.90 -5.09
N TRP C 153 -7.29 -28.76 -6.05
CA TRP C 153 -8.30 -29.69 -6.52
C TRP C 153 -7.76 -31.09 -6.74
N LEU C 154 -8.65 -32.07 -6.66
CA LEU C 154 -8.27 -33.45 -6.88
C LEU C 154 -9.23 -33.99 -7.93
N HIS C 155 -8.85 -35.09 -8.56
CA HIS C 155 -9.68 -35.71 -9.60
C HIS C 155 -9.21 -37.11 -9.88
N ASN C 156 -9.87 -38.07 -9.25
CA ASN C 156 -9.49 -39.46 -9.47
C ASN C 156 -8.09 -39.68 -8.92
N GLU C 157 -7.86 -39.17 -7.71
CA GLU C 157 -6.58 -39.33 -7.04
C GLU C 157 -5.45 -38.55 -7.73
N VAL C 158 -5.81 -37.51 -8.48
CA VAL C 158 -4.83 -36.71 -9.19
C VAL C 158 -4.91 -35.22 -8.82
N GLN C 159 -3.92 -34.76 -8.07
CA GLN C 159 -3.88 -33.36 -7.64
C GLN C 159 -3.62 -32.47 -8.85
N LEU C 160 -4.68 -31.94 -9.47
CA LEU C 160 -4.51 -31.11 -10.65
C LEU C 160 -3.42 -30.04 -10.61
N PRO C 161 -2.98 -29.60 -11.80
CA PRO C 161 -1.95 -28.58 -11.98
C PRO C 161 -2.39 -27.21 -11.46
N ASP C 162 -1.58 -26.64 -10.59
CA ASP C 162 -1.88 -25.35 -10.01
C ASP C 162 -2.39 -24.34 -11.05
N ALA C 163 -1.80 -24.33 -12.24
CA ALA C 163 -2.19 -23.39 -13.28
C ALA C 163 -3.55 -23.67 -13.90
N ARG C 164 -4.24 -24.69 -13.38
CA ARG C 164 -5.57 -25.05 -13.89
C ARG C 164 -6.73 -24.24 -13.35
N HIS C 165 -6.63 -23.84 -12.08
CA HIS C 165 -7.68 -23.07 -11.43
C HIS C 165 -7.25 -21.68 -11.03
N SER C 166 -8.23 -20.81 -10.86
CA SER C 166 -7.99 -19.43 -10.45
C SER C 166 -8.57 -19.22 -9.06
N THR C 167 -7.73 -18.88 -8.09
CA THR C 167 -8.21 -18.65 -6.74
C THR C 167 -7.99 -17.19 -6.38
N THR C 168 -9.01 -16.56 -5.80
CA THR C 168 -8.89 -15.15 -5.44
C THR C 168 -8.14 -14.95 -4.12
N GLN C 169 -8.06 -13.69 -3.72
CA GLN C 169 -7.39 -13.35 -2.48
C GLN C 169 -8.44 -13.21 -1.38
N PRO C 170 -8.07 -13.58 -0.15
CA PRO C 170 -8.97 -13.51 1.00
C PRO C 170 -9.64 -12.15 1.14
N ARG C 171 -10.85 -12.15 1.67
CA ARG C 171 -11.61 -10.93 1.88
C ARG C 171 -12.40 -11.13 3.17
N LYS C 172 -12.57 -10.06 3.94
CA LYS C 172 -13.26 -10.15 5.21
C LYS C 172 -14.78 -10.22 5.09
N THR C 173 -15.41 -10.70 6.15
CA THR C 173 -16.86 -10.83 6.21
C THR C 173 -17.40 -10.25 7.51
N LYS C 174 -18.70 -9.94 7.51
CA LYS C 174 -19.33 -9.38 8.69
C LYS C 174 -19.39 -10.43 9.79
N GLY C 175 -18.56 -11.47 9.66
CA GLY C 175 -18.54 -12.53 10.65
C GLY C 175 -17.13 -12.77 11.16
N SER C 176 -16.30 -11.72 11.08
CA SER C 176 -14.91 -11.75 11.52
C SER C 176 -14.03 -12.81 10.86
N GLY C 177 -14.57 -13.48 9.85
CA GLY C 177 -13.79 -14.50 9.17
C GLY C 177 -13.57 -14.11 7.73
N PHE C 178 -12.71 -14.84 7.01
CA PHE C 178 -12.44 -14.52 5.62
C PHE C 178 -13.11 -15.49 4.66
N PHE C 179 -13.05 -15.16 3.38
CA PHE C 179 -13.64 -15.98 2.33
C PHE C 179 -12.89 -15.86 1.02
N VAL C 180 -12.62 -16.99 0.38
CA VAL C 180 -11.94 -16.98 -0.90
C VAL C 180 -12.68 -17.83 -1.92
N PHE C 181 -12.61 -17.44 -3.18
CA PHE C 181 -13.29 -18.15 -4.26
C PHE C 181 -12.31 -18.82 -5.22
N SER C 182 -12.71 -19.98 -5.76
CA SER C 182 -11.88 -20.71 -6.71
C SER C 182 -12.68 -21.11 -7.94
N ARG C 183 -12.05 -21.07 -9.10
CA ARG C 183 -12.71 -21.42 -10.36
C ARG C 183 -11.85 -22.37 -11.17
N LEU C 184 -12.45 -23.48 -11.59
CA LEU C 184 -11.75 -24.51 -12.34
C LEU C 184 -12.47 -24.99 -13.60
N GLU C 185 -12.23 -24.35 -14.74
CA GLU C 185 -12.89 -24.79 -15.98
C GLU C 185 -12.62 -26.29 -16.20
N VAL C 186 -13.57 -27.01 -16.79
CA VAL C 186 -13.42 -28.45 -17.02
C VAL C 186 -13.82 -28.94 -18.42
N THR C 187 -13.25 -30.08 -18.84
CA THR C 187 -13.51 -30.68 -20.15
C THR C 187 -14.35 -31.96 -20.04
N ARG C 188 -15.29 -32.13 -20.98
CA ARG C 188 -16.18 -33.28 -21.02
C ARG C 188 -15.45 -34.58 -20.74
N ALA C 189 -14.40 -34.82 -21.51
CA ALA C 189 -13.59 -36.02 -21.36
C ALA C 189 -13.36 -36.41 -19.90
N GLU C 190 -13.03 -35.41 -19.09
CA GLU C 190 -12.74 -35.65 -17.68
C GLU C 190 -13.89 -36.11 -16.78
N TRP C 191 -15.11 -35.62 -17.02
CA TRP C 191 -16.19 -36.06 -16.14
C TRP C 191 -16.79 -37.38 -16.54
N GLU C 192 -16.41 -37.86 -17.73
CA GLU C 192 -16.88 -39.15 -18.20
C GLU C 192 -15.90 -40.16 -17.61
N GLN C 193 -14.68 -39.69 -17.37
CA GLN C 193 -13.63 -40.51 -16.77
C GLN C 193 -14.07 -40.80 -15.34
N LYS C 194 -14.78 -39.82 -14.75
CA LYS C 194 -15.33 -39.89 -13.39
C LYS C 194 -16.09 -38.61 -13.11
N ASP C 195 -17.00 -38.65 -12.13
CA ASP C 195 -17.79 -37.47 -11.76
C ASP C 195 -17.23 -36.80 -10.52
N GLU C 196 -16.67 -37.59 -9.60
CA GLU C 196 -16.10 -37.07 -8.38
C GLU C 196 -14.97 -36.05 -8.58
N PHE C 197 -15.27 -34.80 -8.26
CA PHE C 197 -14.30 -33.71 -8.34
C PHE C 197 -14.15 -33.21 -6.93
N ILE C 198 -12.93 -33.10 -6.44
CA ILE C 198 -12.76 -32.64 -5.09
C ILE C 198 -12.04 -31.30 -5.04
N CYS C 199 -12.54 -30.41 -4.18
CA CYS C 199 -11.95 -29.10 -3.99
C CYS C 199 -11.45 -29.07 -2.55
N ARG C 200 -10.22 -29.51 -2.34
CA ARG C 200 -9.62 -29.56 -1.01
C ARG C 200 -9.25 -28.17 -0.51
N ALA C 201 -8.90 -28.10 0.77
CA ALA C 201 -8.51 -26.84 1.40
C ALA C 201 -7.60 -27.15 2.58
N VAL C 202 -6.55 -26.37 2.72
CA VAL C 202 -5.62 -26.59 3.80
C VAL C 202 -5.58 -25.36 4.68
N HIS C 203 -5.91 -25.53 5.96
CA HIS C 203 -5.91 -24.43 6.90
C HIS C 203 -5.28 -24.88 8.19
N GLU C 204 -4.76 -23.91 8.95
CA GLU C 204 -4.11 -24.20 10.21
C GLU C 204 -5.08 -24.75 11.24
N ALA C 205 -6.37 -24.54 10.99
CA ALA C 205 -7.42 -24.99 11.92
C ALA C 205 -7.93 -26.39 11.65
N ALA C 206 -8.97 -26.46 10.83
CA ALA C 206 -9.62 -27.71 10.43
C ALA C 206 -8.99 -29.01 10.93
N SER C 207 -9.82 -29.89 11.45
CA SER C 207 -9.35 -31.19 11.95
C SER C 207 -9.80 -32.29 11.00
N PRO C 208 -9.19 -33.48 11.11
CA PRO C 208 -8.13 -33.78 12.08
C PRO C 208 -6.75 -33.75 11.41
N SER C 209 -6.77 -33.74 10.08
CA SER C 209 -5.55 -33.74 9.28
C SER C 209 -5.23 -32.37 8.68
N GLN C 210 -5.81 -31.32 9.26
CA GLN C 210 -5.60 -29.97 8.77
C GLN C 210 -6.07 -29.79 7.32
N THR C 211 -6.87 -30.76 6.86
CA THR C 211 -7.43 -30.75 5.51
C THR C 211 -8.96 -30.62 5.60
N VAL C 212 -9.57 -30.22 4.50
CA VAL C 212 -11.02 -30.06 4.42
C VAL C 212 -11.45 -30.06 2.97
N GLN C 213 -12.35 -30.97 2.60
CA GLN C 213 -12.77 -31.04 1.22
C GLN C 213 -14.28 -31.26 1.08
N ARG C 214 -14.78 -30.97 -0.12
CA ARG C 214 -16.20 -31.16 -0.42
C ARG C 214 -16.28 -31.66 -1.84
N ALA C 215 -16.92 -32.81 -2.03
CA ALA C 215 -17.06 -33.41 -3.35
C ALA C 215 -18.07 -32.65 -4.21
N VAL C 216 -18.08 -32.94 -5.51
CA VAL C 216 -18.99 -32.29 -6.44
C VAL C 216 -19.12 -33.17 -7.67
N SER C 217 -19.94 -32.74 -8.64
CA SER C 217 -20.15 -33.47 -9.88
C SER C 217 -21.35 -32.94 -10.65
N VAL C 218 -21.35 -33.14 -11.96
CA VAL C 218 -22.47 -32.71 -12.79
C VAL C 218 -23.46 -33.88 -12.87
N ASN C 219 -24.73 -33.57 -13.11
CA ASN C 219 -25.76 -34.59 -13.20
C ASN C 219 -25.98 -35.32 -11.86
#